data_7ZJV
#
_entry.id   7ZJV
#
_cell.length_a   95.708
_cell.length_b   95.708
_cell.length_c   82.880
_cell.angle_alpha   90.000
_cell.angle_beta   90.000
_cell.angle_gamma   90.000
#
_symmetry.space_group_name_H-M   'P 41 21 2'
#
loop_
_entity.id
_entity.type
_entity.pdbx_description
1 polymer 'SUMO-specific isopeptidase USPL1'
2 polymer 'Small ubiquitin-related modifier 2'
3 non-polymer 'ZINC ION'
4 non-polymer prop-2-en-1-amine
5 non-polymer 'CHLORIDE ION'
6 water water
#
loop_
_entity_poly.entity_id
_entity_poly.type
_entity_poly.pdbx_seq_one_letter_code
_entity_poly.pdbx_strand_id
1 'polypeptide(L)'
;GPCTSFPQALCVQWKNAYALCWLDCILSALVHSEELKNTVTGLCSKEESIFWRLLTKYNQANTLLYTSQLSGVKDGDCKK
LTSEIFAEIETCLNEVRDEIFISLQPQLRCTLGDMESPVFAFPLLLKLETHIEKLFLYSFSWDFECSQCGHQYQNRHMKS
LVTFTNVIPEWHPLNAAHFGPCNNCNSKSQIRKMVLEKVSPIFMLHFVEGLPQNDLQHYAFHFEGCLYQITSVIQYRANN
HFITWILDADGSWLECDDLKGPCSERHKKFEVPASEIHIVIWERKIS
;
A
2 'polypeptide(L)' MINLKVAGQDGSVVQFKIKRHTPLSKLMKAYCERQGLSMRQIRFRFDGQPINETDTPAQLEMEDEDTIDVFQQQTG B
#
# COMPACT_ATOMS: atom_id res chain seq x y z
N LEU A 10 15.69 -15.49 -14.13
CA LEU A 10 14.53 -15.89 -13.33
C LEU A 10 14.84 -15.81 -11.84
N CYS A 11 13.79 -15.93 -11.02
CA CYS A 11 13.92 -15.72 -9.58
C CYS A 11 12.92 -16.58 -8.85
N VAL A 12 13.13 -16.73 -7.54
CA VAL A 12 12.29 -17.56 -6.69
C VAL A 12 11.29 -16.67 -5.98
N GLN A 13 10.21 -17.27 -5.47
CA GLN A 13 9.13 -16.55 -4.81
C GLN A 13 8.42 -17.46 -3.82
N TRP A 14 7.59 -16.85 -2.98
CA TRP A 14 6.83 -17.59 -1.97
C TRP A 14 5.67 -18.33 -2.63
N LYS A 15 5.24 -19.43 -2.01
CA LYS A 15 4.07 -20.18 -2.46
C LYS A 15 2.84 -19.77 -1.67
N ASN A 16 1.69 -19.85 -2.33
CA ASN A 16 0.43 -19.45 -1.72
C ASN A 16 0.01 -20.42 -0.62
N ALA A 17 -0.47 -19.86 0.48
CA ALA A 17 -0.93 -20.63 1.63
C ALA A 17 -1.61 -19.66 2.60
N TYR A 18 -2.72 -20.11 3.18
CA TYR A 18 -3.43 -19.34 4.20
C TYR A 18 -3.78 -17.93 3.72
N ALA A 19 -4.02 -17.78 2.42
CA ALA A 19 -4.42 -16.49 1.81
C ALA A 19 -3.43 -15.37 2.09
N LEU A 20 -2.13 -15.67 2.07
CA LEU A 20 -1.11 -14.71 2.43
C LEU A 20 -0.57 -13.93 1.22
N CYS A 21 -1.29 -13.92 0.09
CA CYS A 21 -0.78 -13.17 -1.07
C CYS A 21 -0.64 -11.69 -0.75
N TRP A 22 -1.50 -11.15 0.13
CA TRP A 22 -1.38 -9.74 0.52
C TRP A 22 -0.07 -9.47 1.23
N LEU A 23 0.58 -10.51 1.74
CA LEU A 23 1.90 -10.36 2.31
C LEU A 23 2.98 -10.78 1.33
N ASP A 24 2.74 -11.85 0.57
CA ASP A 24 3.74 -12.30 -0.41
C ASP A 24 4.06 -11.19 -1.40
N CYS A 25 3.04 -10.46 -1.84
CA CYS A 25 3.28 -9.44 -2.85
C CYS A 25 4.20 -8.36 -2.31
N ILE A 26 4.07 -8.01 -1.03
CA ILE A 26 5.00 -7.06 -0.45
C ILE A 26 6.41 -7.66 -0.36
N LEU A 27 6.51 -8.91 0.10
CA LEU A 27 7.83 -9.51 0.29
C LEU A 27 8.59 -9.61 -1.03
N SER A 28 7.89 -10.01 -2.09
CA SER A 28 8.51 -10.09 -3.40
C SER A 28 8.97 -8.71 -3.83
N ALA A 29 8.16 -7.69 -3.54
CA ALA A 29 8.52 -6.33 -3.90
C ALA A 29 9.78 -5.90 -3.14
N LEU A 30 9.90 -6.32 -1.89
CA LEU A 30 11.01 -5.90 -1.04
C LEU A 30 12.35 -6.46 -1.53
N VAL A 31 12.41 -7.75 -1.86
CA VAL A 31 13.68 -8.39 -2.18
C VAL A 31 14.29 -7.93 -3.50
N HIS A 32 13.51 -7.38 -4.42
CA HIS A 32 14.04 -6.91 -5.69
C HIS A 32 14.31 -5.41 -5.76
N SER A 33 14.27 -4.71 -4.63
CA SER A 33 14.61 -3.30 -4.60
C SER A 33 16.11 -3.16 -4.40
N GLU A 34 16.77 -2.47 -5.34
CA GLU A 34 18.21 -2.27 -5.25
C GLU A 34 18.58 -1.37 -4.08
N GLU A 35 17.80 -0.29 -3.88
CA GLU A 35 18.07 0.65 -2.80
C GLU A 35 17.98 -0.02 -1.44
N LEU A 36 16.99 -0.88 -1.26
CA LEU A 36 16.85 -1.60 0.00
C LEU A 36 18.04 -2.54 0.22
N LYS A 37 18.41 -3.30 -0.82
CA LYS A 37 19.55 -4.20 -0.70
C LYS A 37 20.82 -3.45 -0.35
N ASN A 38 20.99 -2.23 -0.90
CA ASN A 38 22.16 -1.42 -0.57
C ASN A 38 22.13 -1.00 0.90
N THR A 39 20.93 -0.67 1.41
CA THR A 39 20.80 -0.18 2.78
C THR A 39 21.04 -1.30 3.79
N VAL A 40 20.54 -2.51 3.50
CA VAL A 40 20.62 -3.65 4.42
C VAL A 40 22.06 -4.12 4.53
N THR A 41 22.88 -3.90 3.53
CA THR A 41 24.22 -4.43 3.66
C THR A 41 25.18 -3.38 4.18
N GLY A 42 24.76 -2.11 4.22
CA GLY A 42 25.48 -1.12 5.00
C GLY A 42 25.25 -1.23 6.49
N LEU A 43 24.03 -1.57 6.90
CA LEU A 43 23.72 -1.65 8.33
C LEU A 43 24.48 -2.79 9.00
N CYS A 44 24.89 -2.58 10.24
CA CYS A 44 25.63 -3.58 10.99
C CYS A 44 25.09 -3.72 12.41
N GLU A 47 22.66 -7.21 10.59
CA GLU A 47 22.72 -7.99 11.82
C GLU A 47 21.56 -7.61 12.73
N GLU A 48 20.85 -8.62 13.22
CA GLU A 48 19.72 -8.46 14.14
C GLU A 48 18.55 -7.72 13.49
N SER A 49 18.59 -7.52 12.17
CA SER A 49 17.50 -6.89 11.44
C SER A 49 16.48 -7.88 10.89
N ILE A 50 15.20 -7.48 10.89
CA ILE A 50 14.17 -8.31 10.25
C ILE A 50 14.33 -8.30 8.73
N PHE A 51 14.82 -7.18 8.18
CA PHE A 51 15.09 -7.04 6.76
C PHE A 51 16.37 -7.75 6.35
N TRP A 52 17.38 -7.75 7.23
CA TRP A 52 18.54 -8.59 6.99
C TRP A 52 18.18 -10.06 6.92
N ARG A 53 17.36 -10.53 7.85
CA ARG A 53 16.93 -11.92 7.79
C ARG A 53 16.11 -12.19 6.55
N LEU A 54 15.23 -11.25 6.18
CA LEU A 54 14.41 -11.42 4.98
C LEU A 54 15.27 -11.55 3.72
N LEU A 55 16.17 -10.60 3.47
CA LEU A 55 16.93 -10.66 2.22
C LEU A 55 17.98 -11.77 2.22
N THR A 56 18.57 -12.10 3.37
CA THR A 56 19.53 -13.20 3.41
C THR A 56 18.83 -14.53 3.15
N LYS A 57 17.66 -14.75 3.77
CA LYS A 57 16.95 -15.99 3.53
C LYS A 57 16.50 -16.04 2.07
N TYR A 58 16.08 -14.89 1.51
CA TYR A 58 15.70 -14.87 0.10
C TYR A 58 16.87 -15.24 -0.81
N ASN A 59 18.03 -14.60 -0.65
CA ASN A 59 19.16 -14.96 -1.50
C ASN A 59 19.59 -16.42 -1.30
N GLN A 60 19.56 -16.92 -0.06
CA GLN A 60 19.86 -18.34 0.15
C GLN A 60 18.88 -19.21 -0.62
N ALA A 61 17.62 -18.77 -0.72
CA ALA A 61 16.68 -19.55 -1.52
C ALA A 61 16.91 -19.35 -3.02
N ASN A 62 17.26 -18.14 -3.45
CA ASN A 62 17.44 -17.92 -4.87
C ASN A 62 18.69 -18.62 -5.40
N THR A 63 19.68 -18.88 -4.53
CA THR A 63 20.88 -19.57 -5.00
C THR A 63 20.60 -21.04 -5.17
N LEU A 64 19.64 -21.55 -4.40
CA LEU A 64 19.22 -22.94 -4.49
C LEU A 64 18.51 -23.18 -5.81
N LEU A 65 17.66 -22.23 -6.22
CA LEU A 65 16.99 -22.30 -7.51
C LEU A 65 17.98 -22.21 -8.66
N TYR A 66 19.03 -21.40 -8.51
CA TYR A 66 20.02 -21.25 -9.56
C TYR A 66 20.67 -22.59 -9.88
N THR A 67 20.91 -23.41 -8.88
CA THR A 67 21.46 -24.75 -9.08
C THR A 67 20.51 -25.61 -9.91
N THR A 82 16.72 -32.47 -6.78
CA THR A 82 15.39 -32.31 -7.34
C THR A 82 14.41 -31.80 -6.28
N SER A 83 13.54 -32.70 -5.80
CA SER A 83 12.48 -32.29 -4.88
C SER A 83 13.04 -31.86 -3.52
N GLU A 84 14.15 -32.47 -3.08
CA GLU A 84 14.72 -32.09 -1.79
C GLU A 84 15.18 -30.64 -1.78
N ILE A 85 15.66 -30.13 -2.93
CA ILE A 85 16.08 -28.74 -2.99
C ILE A 85 14.90 -27.81 -2.80
N PHE A 86 13.71 -28.22 -3.25
CA PHE A 86 12.53 -27.36 -3.18
C PHE A 86 11.95 -27.26 -1.78
N ALA A 87 12.08 -28.30 -0.96
CA ALA A 87 11.55 -28.19 0.38
C ALA A 87 12.43 -27.27 1.21
N GLU A 88 13.75 -27.32 0.98
CA GLU A 88 14.65 -26.38 1.65
C GLU A 88 14.35 -24.93 1.25
N ILE A 89 14.05 -24.69 -0.03
CA ILE A 89 13.68 -23.33 -0.45
C ILE A 89 12.40 -22.90 0.24
N GLU A 90 11.43 -23.83 0.30
CA GLU A 90 10.15 -23.50 0.90
C GLU A 90 10.35 -23.18 2.37
N THR A 91 11.25 -23.93 3.01
CA THR A 91 11.51 -23.73 4.43
C THR A 91 12.16 -22.36 4.66
N CYS A 92 13.14 -22.00 3.82
CA CYS A 92 13.78 -20.71 3.97
C CYS A 92 12.82 -19.54 3.73
N LEU A 93 11.95 -19.64 2.72
CA LEU A 93 11.04 -18.52 2.50
C LEU A 93 9.88 -18.46 3.51
N ASN A 94 9.38 -19.63 3.93
CA ASN A 94 8.24 -19.67 4.84
C ASN A 94 8.64 -19.29 6.25
N GLU A 95 9.88 -19.58 6.64
CA GLU A 95 10.31 -19.25 7.99
C GLU A 95 10.26 -17.73 8.20
N VAL A 96 10.88 -16.98 7.29
CA VAL A 96 10.91 -15.53 7.45
C VAL A 96 9.54 -14.92 7.15
N ARG A 97 8.76 -15.53 6.25
CA ARG A 97 7.39 -15.04 6.04
C ARG A 97 6.54 -15.18 7.28
N ASP A 98 6.65 -16.32 7.96
CA ASP A 98 5.91 -16.52 9.19
C ASP A 98 6.34 -15.52 10.25
N GLU A 99 7.66 -15.27 10.39
CA GLU A 99 8.10 -14.29 11.38
C GLU A 99 7.52 -12.91 11.10
N ILE A 100 7.49 -12.50 9.83
CA ILE A 100 6.94 -11.19 9.50
C ILE A 100 5.45 -11.14 9.79
N PHE A 101 4.72 -12.20 9.40
CA PHE A 101 3.29 -12.23 9.66
C PHE A 101 2.97 -12.13 11.13
N ILE A 102 3.70 -12.88 11.97
CA ILE A 102 3.42 -12.83 13.39
C ILE A 102 3.73 -11.44 13.94
N SER A 103 4.74 -10.77 13.38
CA SER A 103 5.03 -9.40 13.80
C SER A 103 3.94 -8.42 13.37
N LEU A 104 3.32 -8.64 12.22
CA LEU A 104 2.28 -7.73 11.74
C LEU A 104 0.92 -7.95 12.42
N GLN A 105 0.68 -9.17 12.90
CA GLN A 105 -0.63 -9.59 13.40
C GLN A 105 -1.30 -8.73 14.48
N PRO A 106 -0.63 -8.27 15.56
CA PRO A 106 -1.38 -7.52 16.59
C PRO A 106 -2.05 -6.23 16.15
N GLN A 107 -1.43 -5.46 15.26
CA GLN A 107 -1.92 -4.14 14.88
C GLN A 107 -2.95 -4.29 13.79
N LEU A 108 -2.66 -5.23 12.88
CA LEU A 108 -3.45 -5.51 11.70
C LEU A 108 -4.64 -6.39 12.07
N ARG A 109 -4.60 -7.04 13.25
CA ARG A 109 -5.76 -7.71 13.83
C ARG A 109 -6.36 -8.84 13.01
N CYS A 110 -5.55 -9.59 12.30
CA CYS A 110 -6.08 -10.67 11.49
C CYS A 110 -5.78 -12.01 12.14
N THR A 111 -6.54 -13.02 11.75
CA THR A 111 -6.30 -14.39 12.15
C THR A 111 -5.74 -15.06 10.90
N LEU A 112 -4.78 -15.96 11.08
CA LEU A 112 -4.18 -16.67 9.97
C LEU A 112 -5.23 -17.35 9.09
N GLY A 113 -5.13 -17.10 7.77
CA GLY A 113 -6.12 -17.52 6.82
C GLY A 113 -7.09 -16.44 6.38
N ASP A 114 -7.09 -15.29 7.04
CA ASP A 114 -7.90 -14.15 6.63
C ASP A 114 -7.34 -13.46 5.39
N MET A 115 -8.26 -12.90 4.59
CA MET A 115 -7.89 -12.00 3.51
C MET A 115 -7.61 -10.60 4.08
N GLU A 116 -6.75 -9.85 3.40
CA GLU A 116 -6.31 -8.56 3.91
C GLU A 116 -5.78 -7.75 2.73
N SER A 117 -5.29 -6.53 3.00
CA SER A 117 -4.84 -5.67 1.92
C SER A 117 -3.41 -5.21 2.19
N PRO A 118 -2.55 -5.23 1.18
CA PRO A 118 -1.20 -4.66 1.33
C PRO A 118 -1.18 -3.16 1.57
N VAL A 119 -2.24 -2.43 1.20
CA VAL A 119 -2.31 -1.01 1.51
C VAL A 119 -2.25 -0.80 3.02
N PHE A 120 -2.93 -1.68 3.77
CA PHE A 120 -2.88 -1.65 5.23
C PHE A 120 -1.60 -2.26 5.78
N ALA A 121 -1.17 -3.38 5.21
CA ALA A 121 -0.06 -4.13 5.80
C ALA A 121 1.30 -3.46 5.56
N PHE A 122 1.48 -2.85 4.38
CA PHE A 122 2.82 -2.39 3.99
C PHE A 122 3.39 -1.35 4.95
N PRO A 123 2.68 -0.26 5.31
CA PRO A 123 3.35 0.72 6.18
C PRO A 123 3.58 0.19 7.58
N LEU A 124 2.68 -0.67 8.07
CA LEU A 124 2.91 -1.32 9.36
C LEU A 124 4.16 -2.19 9.28
N LEU A 125 4.37 -2.84 8.14
CA LEU A 125 5.58 -3.62 7.91
C LEU A 125 6.83 -2.73 7.93
N LEU A 126 6.75 -1.55 7.30
CA LEU A 126 7.91 -0.68 7.24
C LEU A 126 8.28 -0.18 8.62
N LYS A 127 7.27 0.06 9.46
CA LYS A 127 7.57 0.58 10.80
C LYS A 127 8.33 -0.42 11.66
N LEU A 128 8.48 -1.68 11.22
CA LEU A 128 9.26 -2.64 12.00
C LEU A 128 10.72 -2.27 12.11
N GLU A 129 11.25 -1.47 11.17
CA GLU A 129 12.65 -1.06 11.22
C GLU A 129 12.73 0.39 10.74
N THR A 130 13.09 1.29 11.66
CA THR A 130 13.09 2.71 11.35
C THR A 130 14.08 3.09 10.25
N HIS A 131 15.23 2.40 10.20
CA HIS A 131 16.24 2.68 9.18
C HIS A 131 15.76 2.28 7.80
N ILE A 132 14.88 1.29 7.73
CA ILE A 132 14.29 0.88 6.47
C ILE A 132 13.10 1.77 6.12
N GLU A 133 12.28 2.13 7.12
CA GLU A 133 11.14 2.99 6.85
C GLU A 133 11.57 4.32 6.28
N LYS A 134 12.75 4.82 6.70
CA LYS A 134 13.21 6.12 6.21
C LYS A 134 13.42 6.13 4.69
N LEU A 135 13.71 4.97 4.10
CA LEU A 135 13.86 4.88 2.66
C LEU A 135 12.57 5.17 1.91
N PHE A 136 11.42 5.14 2.59
CA PHE A 136 10.12 5.27 1.96
C PHE A 136 9.39 6.54 2.34
N LEU A 137 9.85 7.28 3.34
CA LEU A 137 9.07 8.39 3.87
C LEU A 137 9.33 9.60 2.99
N TYR A 138 8.32 10.01 2.23
CA TYR A 138 8.40 11.20 1.41
C TYR A 138 7.48 12.28 1.97
N SER A 139 7.84 13.53 1.69
CA SER A 139 7.08 14.70 2.09
C SER A 139 6.43 15.35 0.88
N PHE A 140 5.19 15.79 1.07
CA PHE A 140 4.40 16.38 0.00
C PHE A 140 3.37 17.31 0.62
N SER A 141 2.56 17.92 -0.23
CA SER A 141 1.47 18.76 0.25
C SER A 141 0.25 18.55 -0.63
N TRP A 142 -0.89 18.43 0.03
CA TRP A 142 -2.18 18.38 -0.65
C TRP A 142 -2.58 19.84 -0.92
N ASP A 143 -2.69 20.22 -2.20
CA ASP A 143 -3.05 21.58 -2.57
C ASP A 143 -4.48 21.58 -3.09
N PHE A 144 -5.33 22.40 -2.51
CA PHE A 144 -6.74 22.39 -2.88
C PHE A 144 -7.22 23.83 -3.00
N GLU A 145 -8.11 24.06 -3.96
CA GLU A 145 -8.72 25.38 -4.18
C GLU A 145 -10.03 25.15 -4.91
N CYS A 146 -11.15 25.37 -4.21
CA CYS A 146 -12.46 25.16 -4.82
C CYS A 146 -12.78 26.26 -5.82
N SER A 147 -13.35 25.86 -6.97
CA SER A 147 -13.78 26.82 -7.96
C SER A 147 -15.21 27.34 -7.79
N GLN A 148 -16.08 26.62 -7.08
CA GLN A 148 -17.44 27.12 -6.90
C GLN A 148 -17.45 28.18 -5.81
N CYS A 149 -16.95 27.83 -4.63
CA CYS A 149 -16.71 28.76 -3.56
C CYS A 149 -15.20 28.89 -3.42
N GLY A 150 -14.79 29.62 -2.42
CA GLY A 150 -13.40 29.88 -2.15
C GLY A 150 -12.62 28.92 -1.29
N HIS A 151 -13.21 27.82 -0.83
CA HIS A 151 -12.54 27.01 0.18
C HIS A 151 -11.20 26.57 -0.40
N GLN A 152 -10.13 26.80 0.37
CA GLN A 152 -8.80 26.47 -0.10
C GLN A 152 -7.90 26.05 1.05
N TYR A 153 -6.95 25.17 0.73
CA TYR A 153 -5.95 24.75 1.71
C TYR A 153 -4.69 24.26 1.01
N GLN A 154 -3.60 24.19 1.78
CA GLN A 154 -2.35 23.60 1.31
C GLN A 154 -1.71 22.94 2.52
N ASN A 155 -1.80 21.61 2.59
CA ASN A 155 -1.41 20.90 3.81
C ASN A 155 -0.21 19.99 3.57
N ARG A 156 0.86 20.18 4.35
CA ARG A 156 2.04 19.34 4.25
C ARG A 156 1.88 18.04 5.03
N HIS A 157 2.33 16.93 4.43
CA HIS A 157 2.31 15.61 5.03
C HIS A 157 3.60 14.86 4.74
N MET A 158 3.78 13.76 5.47
CA MET A 158 4.90 12.82 5.29
C MET A 158 4.35 11.42 5.41
N LYS A 159 4.46 10.66 4.32
CA LYS A 159 3.87 9.32 4.22
C LYS A 159 4.84 8.38 3.51
N SER A 160 4.61 7.07 3.69
CA SER A 160 5.30 6.05 2.91
C SER A 160 4.41 5.43 1.83
N LEU A 161 3.10 5.65 1.90
CA LEU A 161 2.18 5.10 0.89
C LEU A 161 0.92 5.93 0.94
N VAL A 162 0.64 6.66 -0.14
CA VAL A 162 -0.56 7.48 -0.24
C VAL A 162 -1.51 6.84 -1.21
N THR A 163 -2.81 6.97 -0.93
CA THR A 163 -3.84 6.38 -1.77
C THR A 163 -4.43 7.47 -2.64
N PHE A 164 -4.57 7.17 -3.93
CA PHE A 164 -5.24 8.01 -4.90
C PHE A 164 -6.49 7.30 -5.37
N THR A 165 -7.58 8.06 -5.49
CA THR A 165 -8.79 7.53 -6.07
C THR A 165 -9.39 8.59 -6.98
N ASN A 166 -9.95 8.11 -8.09
CA ASN A 166 -10.57 8.97 -9.10
C ASN A 166 -9.61 10.05 -9.58
N VAL A 167 -8.44 9.63 -10.04
CA VAL A 167 -7.40 10.54 -10.52
C VAL A 167 -7.81 11.14 -11.85
N ILE A 168 -7.27 12.32 -12.15
CA ILE A 168 -7.54 12.96 -13.43
C ILE A 168 -6.87 12.12 -14.50
N PRO A 169 -7.42 12.05 -15.71
CA PRO A 169 -6.79 11.24 -16.78
C PRO A 169 -5.34 11.60 -17.07
N GLU A 170 -4.97 12.88 -16.95
CA GLU A 170 -3.60 13.31 -17.21
C GLU A 170 -2.67 13.06 -16.05
N TRP A 171 -3.07 12.20 -15.11
CA TRP A 171 -2.33 12.02 -13.87
C TRP A 171 -0.87 11.67 -14.13
N HIS A 172 0.01 12.36 -13.42
CA HIS A 172 1.45 12.18 -13.48
C HIS A 172 1.99 12.49 -12.11
N PRO A 173 3.10 11.87 -11.71
CA PRO A 173 3.68 12.24 -10.41
C PRO A 173 4.02 13.71 -10.30
N LEU A 174 4.36 14.35 -11.41
CA LEU A 174 4.59 15.79 -11.42
C LEU A 174 3.32 16.61 -11.56
N ASN A 175 2.18 15.97 -11.78
CA ASN A 175 0.86 16.61 -11.80
C ASN A 175 -0.11 15.66 -11.10
N ALA A 176 0.16 15.35 -9.82
CA ALA A 176 -0.53 14.27 -9.13
C ALA A 176 -1.84 14.79 -8.56
N ALA A 177 -2.86 14.84 -9.41
CA ALA A 177 -4.14 15.43 -9.05
C ALA A 177 -5.27 14.41 -9.19
N HIS A 178 -6.34 14.65 -8.43
CA HIS A 178 -7.49 13.77 -8.48
C HIS A 178 -8.75 14.56 -8.17
N PHE A 179 -9.88 14.02 -8.61
CA PHE A 179 -11.17 14.64 -8.33
C PHE A 179 -11.62 14.33 -6.91
N GLY A 180 -12.20 15.32 -6.27
CA GLY A 180 -12.69 15.21 -4.92
C GLY A 180 -13.74 16.27 -4.63
N PRO A 181 -14.54 16.03 -3.60
CA PRO A 181 -15.55 17.01 -3.21
C PRO A 181 -14.92 18.13 -2.40
N CYS A 182 -15.66 19.24 -2.31
CA CYS A 182 -15.23 20.36 -1.50
C CYS A 182 -15.94 20.25 -0.15
N ASN A 183 -15.16 20.33 0.93
CA ASN A 183 -15.68 20.19 2.27
C ASN A 183 -16.51 21.39 2.73
N ASN A 184 -16.47 22.51 2.00
CA ASN A 184 -17.16 23.72 2.42
C ASN A 184 -18.55 23.83 1.81
N CYS A 185 -18.71 23.39 0.56
CA CYS A 185 -19.97 23.53 -0.15
C CYS A 185 -20.52 22.23 -0.74
N ASN A 186 -19.87 21.09 -0.51
CA ASN A 186 -20.32 19.77 -0.96
C ASN A 186 -20.41 19.69 -2.48
N SER A 187 -19.74 20.61 -3.15
CA SER A 187 -19.57 20.57 -4.59
C SER A 187 -18.63 19.45 -4.98
N LYS A 188 -18.97 18.77 -6.05
CA LYS A 188 -18.16 17.67 -6.53
C LYS A 188 -17.25 18.23 -7.63
N SER A 189 -16.28 17.42 -8.01
CA SER A 189 -15.32 17.72 -9.06
C SER A 189 -14.43 18.93 -8.79
N GLN A 190 -14.14 19.24 -7.54
CA GLN A 190 -12.92 20.02 -7.39
C GLN A 190 -11.72 19.08 -7.45
N ILE A 191 -10.53 19.65 -7.51
CA ILE A 191 -9.32 18.87 -7.70
C ILE A 191 -8.40 19.09 -6.52
N ARG A 192 -7.92 17.99 -5.95
CA ARG A 192 -6.89 18.04 -4.92
C ARG A 192 -5.62 17.46 -5.52
N LYS A 193 -4.51 18.15 -5.32
CA LYS A 193 -3.27 17.82 -5.98
C LYS A 193 -2.17 17.64 -4.95
N MET A 194 -1.40 16.57 -5.11
CA MET A 194 -0.22 16.30 -4.32
C MET A 194 0.99 16.97 -4.97
N VAL A 195 1.63 17.86 -4.24
CA VAL A 195 2.83 18.54 -4.73
C VAL A 195 4.00 17.92 -3.96
N LEU A 196 4.79 17.09 -4.63
CA LEU A 196 5.94 16.48 -3.97
C LEU A 196 6.91 17.55 -3.53
N GLU A 197 7.47 17.36 -2.35
CA GLU A 197 8.42 18.29 -1.76
C GLU A 197 9.76 17.67 -1.48
N LYS A 198 9.79 16.42 -1.04
CA LYS A 198 11.06 15.72 -0.83
C LYS A 198 10.75 14.25 -0.97
N VAL A 199 11.32 13.63 -2.00
CA VAL A 199 11.03 12.25 -2.34
C VAL A 199 12.14 11.37 -1.81
N SER A 200 11.74 10.30 -1.14
CA SER A 200 12.68 9.35 -0.57
C SER A 200 13.28 8.49 -1.68
N PRO A 201 14.35 7.74 -1.39
CA PRO A 201 14.91 6.85 -2.42
C PRO A 201 13.91 5.85 -2.97
N ILE A 202 12.92 5.44 -2.20
CA ILE A 202 11.83 4.58 -2.68
C ILE A 202 10.52 5.35 -2.50
N PHE A 203 9.68 5.33 -3.53
CA PHE A 203 8.46 6.15 -3.58
C PHE A 203 7.29 5.29 -4.02
N MET A 204 6.30 5.09 -3.15
CA MET A 204 5.20 4.17 -3.46
C MET A 204 3.85 4.88 -3.38
N LEU A 205 2.95 4.48 -4.28
CA LEU A 205 1.60 5.02 -4.33
C LEU A 205 0.61 3.88 -4.56
N HIS A 206 -0.60 4.06 -4.03
CA HIS A 206 -1.70 3.09 -4.19
C HIS A 206 -2.83 3.74 -4.96
N PHE A 207 -3.39 3.01 -5.92
CA PHE A 207 -4.46 3.52 -6.76
C PHE A 207 -5.69 2.63 -6.66
N VAL A 208 -6.80 3.21 -6.17
CA VAL A 208 -8.01 2.41 -5.93
C VAL A 208 -8.55 1.84 -7.24
N GLU A 209 -8.46 2.62 -8.32
CA GLU A 209 -8.97 2.17 -9.62
C GLU A 209 -7.84 2.01 -10.65
N GLY A 210 -6.61 1.91 -10.19
CA GLY A 210 -5.48 1.75 -11.09
C GLY A 210 -5.05 3.06 -11.71
N LEU A 211 -4.19 2.94 -12.72
CA LEU A 211 -3.70 4.08 -13.45
C LEU A 211 -4.52 4.32 -14.71
N PRO A 212 -4.51 5.54 -15.26
CA PRO A 212 -5.26 5.78 -16.50
C PRO A 212 -4.80 4.93 -17.66
N GLN A 213 -3.53 4.57 -17.72
CA GLN A 213 -3.02 3.72 -18.78
C GLN A 213 -1.79 3.00 -18.22
N ASN A 214 -1.30 2.00 -18.95
CA ASN A 214 -0.33 1.07 -18.41
C ASN A 214 1.03 1.14 -19.08
N ASP A 215 1.30 2.18 -19.86
CA ASP A 215 2.66 2.38 -20.38
C ASP A 215 3.43 3.06 -19.25
N LEU A 216 4.22 2.28 -18.51
CA LEU A 216 4.77 2.78 -17.27
C LEU A 216 5.89 3.78 -17.50
N GLN A 217 6.44 3.83 -18.72
CA GLN A 217 7.53 4.75 -19.00
C GLN A 217 7.06 6.19 -18.93
N HIS A 218 5.77 6.41 -19.19
CA HIS A 218 5.21 7.75 -19.15
C HIS A 218 4.98 8.23 -17.72
N TYR A 219 5.15 7.36 -16.73
CA TYR A 219 5.01 7.72 -15.32
C TYR A 219 6.36 7.88 -14.63
N ALA A 220 7.45 7.76 -15.38
CA ALA A 220 8.78 8.15 -14.95
C ALA A 220 8.82 9.67 -14.78
N PHE A 221 9.68 10.14 -13.88
CA PHE A 221 9.74 11.57 -13.63
C PHE A 221 11.10 11.91 -13.04
N HIS A 222 11.55 13.14 -13.30
CA HIS A 222 12.70 13.67 -12.59
C HIS A 222 12.26 14.48 -11.38
N PHE A 223 13.03 14.39 -10.30
CA PHE A 223 12.75 15.27 -9.18
C PHE A 223 14.09 15.71 -8.61
N GLU A 224 14.37 17.02 -8.73
CA GLU A 224 15.61 17.62 -8.21
C GLU A 224 16.84 16.87 -8.67
N GLY A 225 16.86 16.50 -9.95
CA GLY A 225 18.04 15.97 -10.57
C GLY A 225 18.09 14.47 -10.61
N CYS A 226 17.21 13.77 -9.89
CA CYS A 226 17.28 12.33 -9.84
C CYS A 226 16.11 11.74 -10.61
N LEU A 227 16.40 10.73 -11.43
CA LEU A 227 15.37 10.07 -12.20
C LEU A 227 14.67 9.00 -11.37
N TYR A 228 13.35 8.95 -11.49
CA TYR A 228 12.52 7.95 -10.83
C TYR A 228 11.72 7.19 -11.86
N GLN A 229 11.87 5.87 -11.85
CA GLN A 229 11.18 4.96 -12.74
C GLN A 229 10.43 3.95 -11.91
N ILE A 230 9.34 3.46 -12.49
CA ILE A 230 8.55 2.41 -11.85
C ILE A 230 9.37 1.13 -11.98
N THR A 231 9.79 0.57 -10.84
CA THR A 231 10.59 -0.64 -10.83
C THR A 231 9.80 -1.88 -10.48
N SER A 232 8.63 -1.73 -9.87
CA SER A 232 7.82 -2.88 -9.51
C SER A 232 6.39 -2.38 -9.31
N VAL A 233 5.45 -3.29 -9.51
CA VAL A 233 4.02 -2.97 -9.41
C VAL A 233 3.30 -4.14 -8.77
N ILE A 234 2.40 -3.85 -7.85
CA ILE A 234 1.50 -4.84 -7.28
C ILE A 234 0.16 -4.72 -7.98
N GLN A 235 -0.24 -5.81 -8.65
CA GLN A 235 -1.49 -5.90 -9.40
C GLN A 235 -2.59 -6.50 -8.54
N TYR A 236 -3.80 -5.92 -8.65
CA TYR A 236 -5.01 -6.36 -7.97
C TYR A 236 -5.96 -7.00 -8.97
N ARG A 237 -5.97 -8.33 -9.00
CA ARG A 237 -6.75 -9.07 -10.00
C ARG A 237 -8.05 -9.60 -9.42
N ALA A 238 -9.14 -9.37 -10.16
CA ALA A 238 -10.48 -9.90 -9.90
C ALA A 238 -11.02 -9.49 -8.54
N ASN A 239 -10.45 -8.44 -7.95
CA ASN A 239 -10.89 -7.98 -6.65
C ASN A 239 -10.74 -9.09 -5.60
N ASN A 240 -9.76 -9.99 -5.80
CA ASN A 240 -9.56 -11.03 -4.84
C ASN A 240 -8.14 -11.60 -4.84
N HIS A 241 -7.19 -10.98 -5.51
CA HIS A 241 -5.93 -11.67 -5.51
C HIS A 241 -4.83 -10.65 -5.82
N PHE A 242 -3.66 -10.72 -5.17
CA PHE A 242 -2.56 -9.76 -5.41
C PHE A 242 -1.38 -10.49 -6.06
N ILE A 243 -0.74 -9.84 -7.04
CA ILE A 243 0.39 -10.40 -7.76
C ILE A 243 1.48 -9.34 -7.96
N THR A 244 2.76 -9.72 -7.80
CA THR A 244 3.82 -8.71 -7.91
C THR A 244 4.58 -8.81 -9.24
N TRP A 245 4.83 -7.67 -9.88
CA TRP A 245 5.59 -7.61 -11.11
C TRP A 245 6.90 -6.85 -10.86
N ILE A 246 8.01 -7.41 -11.35
CA ILE A 246 9.35 -6.89 -11.06
C ILE A 246 10.04 -6.56 -12.38
N LEU A 247 10.56 -5.33 -12.50
CA LEU A 247 11.36 -4.95 -13.67
C LEU A 247 12.80 -5.42 -13.54
N ASP A 248 13.24 -6.29 -14.46
CA ASP A 248 14.62 -6.77 -14.50
C ASP A 248 15.52 -5.93 -15.42
N ALA A 249 16.82 -6.22 -15.33
CA ALA A 249 17.83 -5.41 -16.00
C ALA A 249 17.65 -5.47 -17.51
N ASP A 250 17.36 -6.67 -18.05
CA ASP A 250 17.23 -6.84 -19.50
C ASP A 250 15.98 -6.21 -20.08
N GLY A 251 15.20 -5.47 -19.29
CA GLY A 251 13.96 -4.92 -19.78
C GLY A 251 12.78 -5.86 -19.65
N SER A 252 13.02 -7.15 -19.43
CA SER A 252 11.95 -8.10 -19.19
C SER A 252 11.34 -7.90 -17.80
N TRP A 253 10.26 -8.65 -17.55
CA TRP A 253 9.52 -8.54 -16.30
C TRP A 253 9.42 -9.91 -15.65
N LEU A 254 9.24 -9.92 -14.34
CA LEU A 254 9.07 -11.15 -13.60
C LEU A 254 7.73 -11.07 -12.89
N GLU A 255 6.85 -12.01 -13.19
CA GLU A 255 5.54 -12.11 -12.55
C GLU A 255 5.65 -13.10 -11.40
N CYS A 256 5.32 -12.62 -10.21
CA CYS A 256 5.35 -13.35 -8.95
C CYS A 256 3.90 -13.52 -8.51
N ASP A 257 3.22 -14.49 -9.14
CA ASP A 257 1.88 -14.87 -8.72
C ASP A 257 2.08 -16.05 -7.78
N ASP A 258 1.84 -15.85 -6.48
CA ASP A 258 2.14 -16.92 -5.53
C ASP A 258 1.27 -18.15 -5.79
N LEU A 259 0.17 -17.98 -6.53
CA LEU A 259 -0.63 -19.13 -6.92
C LEU A 259 0.11 -20.02 -7.91
N LYS A 260 1.01 -19.44 -8.72
CA LYS A 260 1.72 -20.19 -9.73
C LYS A 260 2.94 -20.90 -9.14
N GLY A 261 2.92 -21.07 -7.82
CA GLY A 261 3.89 -21.84 -7.07
C GLY A 261 5.14 -21.03 -6.76
N PRO A 262 6.21 -21.75 -6.38
CA PRO A 262 7.46 -21.08 -5.99
C PRO A 262 8.27 -20.44 -7.12
N CYS A 263 8.25 -20.95 -8.34
CA CYS A 263 9.06 -20.24 -9.33
C CYS A 263 8.29 -19.05 -9.86
N SER A 264 9.00 -18.17 -10.57
CA SER A 264 8.37 -17.00 -11.15
C SER A 264 8.29 -17.15 -12.66
N GLU A 265 7.76 -16.13 -13.32
CA GLU A 265 7.57 -16.19 -14.76
C GLU A 265 8.16 -14.97 -15.43
N ARG A 266 8.92 -15.17 -16.50
CA ARG A 266 9.52 -14.06 -17.21
C ARG A 266 8.58 -13.68 -18.35
N HIS A 267 8.28 -12.38 -18.46
CA HIS A 267 7.45 -11.84 -19.52
C HIS A 267 8.23 -10.84 -20.36
N LYS A 268 7.96 -10.88 -21.66
CA LYS A 268 8.64 -10.01 -22.61
C LYS A 268 8.34 -8.54 -22.36
N LYS A 269 7.14 -8.21 -21.91
CA LYS A 269 6.79 -6.82 -21.65
C LYS A 269 5.75 -6.74 -20.55
N PHE A 270 5.48 -5.51 -20.11
CA PHE A 270 4.53 -5.29 -19.04
C PHE A 270 3.14 -5.73 -19.47
N GLU A 271 2.38 -6.24 -18.50
CA GLU A 271 1.14 -6.94 -18.83
C GLU A 271 -0.04 -6.64 -17.93
N VAL A 272 0.13 -6.05 -16.76
CA VAL A 272 -1.07 -5.97 -15.91
C VAL A 272 -2.05 -5.00 -16.57
N PRO A 273 -3.35 -5.27 -16.52
CA PRO A 273 -4.31 -4.30 -17.01
C PRO A 273 -4.19 -3.01 -16.22
N ALA A 274 -4.41 -1.87 -16.90
CA ALA A 274 -4.20 -0.60 -16.24
C ALA A 274 -5.07 -0.47 -14.99
N SER A 275 -6.30 -0.99 -15.05
CA SER A 275 -7.22 -0.91 -13.93
C SER A 275 -6.86 -1.83 -12.77
N GLU A 276 -5.87 -2.70 -12.92
CA GLU A 276 -5.44 -3.59 -11.87
C GLU A 276 -4.11 -3.19 -11.26
N ILE A 277 -3.59 -2.03 -11.63
CA ILE A 277 -2.34 -1.52 -11.05
C ILE A 277 -2.68 -0.98 -9.67
N HIS A 278 -2.34 -1.74 -8.62
CA HIS A 278 -2.82 -1.43 -7.28
C HIS A 278 -1.80 -0.57 -6.55
N ILE A 279 -0.55 -1.04 -6.45
CA ILE A 279 0.53 -0.26 -5.82
C ILE A 279 1.69 -0.12 -6.81
N VAL A 280 2.19 1.10 -6.97
CA VAL A 280 3.30 1.41 -7.87
C VAL A 280 4.51 1.85 -7.06
N ILE A 281 5.68 1.27 -7.36
CA ILE A 281 6.92 1.55 -6.64
C ILE A 281 7.91 2.23 -7.60
N TRP A 282 8.20 3.51 -7.39
CA TRP A 282 9.30 4.18 -8.08
C TRP A 282 10.58 4.05 -7.27
N GLU A 283 11.71 3.84 -7.96
CA GLU A 283 13.01 3.81 -7.33
C GLU A 283 14.08 4.64 -8.05
N ARG A 284 15.33 4.16 -8.01
CA ARG A 284 16.49 4.78 -8.65
C ARG A 284 16.88 6.11 -8.01
N LYS A 285 16.37 6.37 -6.80
CA LYS A 285 16.64 7.58 -6.02
C LYS A 285 16.60 8.82 -6.90
N MET B 1 -20.56 11.26 25.40
CA MET B 1 -20.29 10.88 24.02
C MET B 1 -18.82 11.15 23.67
N ILE B 2 -18.51 11.23 22.37
CA ILE B 2 -17.19 11.67 21.92
C ILE B 2 -17.33 12.11 20.47
N ASN B 3 -16.43 13.01 20.04
CA ASN B 3 -16.40 13.46 18.65
C ASN B 3 -15.30 12.80 17.83
N LEU B 4 -15.67 12.27 16.67
CA LEU B 4 -14.76 11.62 15.74
C LEU B 4 -14.86 12.27 14.35
N LYS B 5 -13.73 12.29 13.63
CA LYS B 5 -13.70 12.79 12.25
C LYS B 5 -13.45 11.61 11.31
N VAL B 6 -14.28 11.48 10.27
CA VAL B 6 -14.15 10.39 9.29
C VAL B 6 -13.63 10.91 7.95
N ALA B 7 -12.38 10.61 7.61
CA ALA B 7 -11.69 11.17 6.45
C ALA B 7 -11.52 10.11 5.36
N GLY B 8 -12.15 10.35 4.18
CA GLY B 8 -11.96 9.49 3.02
C GLY B 8 -10.75 9.84 2.15
N GLN B 9 -10.35 8.89 1.29
CA GLN B 9 -9.19 9.09 0.44
C GLN B 9 -9.47 10.09 -0.67
N ASP B 10 -10.72 10.51 -0.85
CA ASP B 10 -11.08 11.56 -1.78
C ASP B 10 -10.97 12.95 -1.18
N GLY B 11 -10.56 13.07 0.08
CA GLY B 11 -10.43 14.33 0.78
C GLY B 11 -11.60 14.77 1.66
N SER B 12 -12.74 14.06 1.60
CA SER B 12 -13.90 14.37 2.41
C SER B 12 -13.66 14.12 3.91
N VAL B 13 -14.29 14.94 4.76
CA VAL B 13 -14.19 14.77 6.21
C VAL B 13 -15.59 14.98 6.81
N VAL B 14 -16.08 13.98 7.55
CA VAL B 14 -17.38 14.00 8.24
C VAL B 14 -17.25 13.81 9.74
N GLN B 15 -17.81 14.75 10.52
CA GLN B 15 -17.78 14.68 11.99
C GLN B 15 -18.90 13.80 12.55
N PHE B 16 -18.57 13.03 13.59
CA PHE B 16 -19.55 12.20 14.29
C PHE B 16 -19.41 12.30 15.81
N LYS B 17 -20.56 12.37 16.48
CA LYS B 17 -20.64 12.23 17.93
C LYS B 17 -21.18 10.84 18.25
N ILE B 18 -20.54 10.15 19.18
CA ILE B 18 -20.82 8.75 19.47
C ILE B 18 -20.51 8.55 20.94
N LYS B 19 -21.27 7.66 21.58
CA LYS B 19 -20.96 7.34 22.96
C LYS B 19 -19.76 6.41 23.03
N ARG B 20 -19.06 6.49 24.16
CA ARG B 20 -17.78 5.82 24.31
C ARG B 20 -17.93 4.30 24.31
N HIS B 21 -19.11 3.79 24.65
CA HIS B 21 -19.34 2.35 24.76
C HIS B 21 -20.37 1.88 23.74
N THR B 22 -20.73 2.73 22.78
CA THR B 22 -21.56 2.11 21.75
C THR B 22 -20.70 1.61 20.60
N PRO B 23 -21.01 0.41 20.09
CA PRO B 23 -20.22 -0.14 18.98
C PRO B 23 -20.30 0.77 17.77
N LEU B 24 -19.22 0.78 16.99
CA LEU B 24 -19.11 1.68 15.85
C LEU B 24 -20.00 1.31 14.68
N SER B 25 -20.82 0.25 14.77
CA SER B 25 -21.68 -0.12 13.65
C SER B 25 -22.66 1.00 13.28
N LYS B 26 -23.25 1.67 14.27
CA LYS B 26 -24.16 2.77 13.97
C LYS B 26 -23.45 3.95 13.32
N LEU B 27 -22.21 4.20 13.75
CA LEU B 27 -21.40 5.25 13.16
C LEU B 27 -21.05 4.92 11.71
N MET B 28 -20.63 3.68 11.47
CA MET B 28 -20.23 3.25 10.14
C MET B 28 -21.41 3.39 9.17
N LYS B 29 -22.58 2.88 9.59
CA LYS B 29 -23.74 2.93 8.72
C LYS B 29 -24.18 4.37 8.44
N ALA B 30 -24.08 5.27 9.43
CA ALA B 30 -24.47 6.65 9.18
C ALA B 30 -23.51 7.37 8.23
N TYR B 31 -22.19 7.12 8.36
CA TYR B 31 -21.25 7.72 7.41
C TYR B 31 -21.55 7.24 5.99
N CYS B 32 -21.84 5.93 5.85
CA CYS B 32 -22.19 5.41 4.54
C CYS B 32 -23.42 6.09 3.99
N GLU B 33 -24.40 6.37 4.85
CA GLU B 33 -25.61 7.02 4.37
C GLU B 33 -25.33 8.45 3.91
N ARG B 34 -24.44 9.17 4.60
CA ARG B 34 -24.16 10.54 4.17
C ARG B 34 -23.42 10.57 2.84
N GLN B 35 -22.36 9.78 2.71
CA GLN B 35 -21.56 9.81 1.48
C GLN B 35 -22.13 8.97 0.35
N GLY B 36 -23.22 8.23 0.58
CA GLY B 36 -23.76 7.35 -0.44
C GLY B 36 -22.92 6.13 -0.74
N LEU B 37 -22.24 5.59 0.25
CA LEU B 37 -21.39 4.42 0.11
C LEU B 37 -22.06 3.20 0.72
N SER B 38 -21.57 2.03 0.35
CA SER B 38 -22.10 0.76 0.84
C SER B 38 -21.16 0.20 1.90
N MET B 39 -21.75 -0.29 3.00
CA MET B 39 -20.95 -0.87 4.07
C MET B 39 -20.10 -2.02 3.57
N ARG B 40 -20.57 -2.76 2.57
CA ARG B 40 -19.78 -3.87 2.06
C ARG B 40 -18.61 -3.42 1.21
N GLN B 41 -18.56 -2.13 0.85
CA GLN B 41 -17.56 -1.63 -0.08
C GLN B 41 -16.51 -0.75 0.58
N ILE B 42 -16.60 -0.49 1.89
CA ILE B 42 -15.61 0.38 2.50
C ILE B 42 -15.09 -0.25 3.77
N ARG B 43 -13.92 0.22 4.18
CA ARG B 43 -13.23 -0.18 5.38
C ARG B 43 -12.87 1.04 6.19
N PHE B 44 -12.85 0.86 7.50
CA PHE B 44 -12.44 1.90 8.42
C PHE B 44 -11.13 1.50 9.09
N ARG B 45 -10.28 2.48 9.25
CA ARG B 45 -8.95 2.32 9.79
C ARG B 45 -8.80 3.45 10.79
N PHE B 46 -8.22 3.13 11.93
CA PHE B 46 -7.91 4.10 12.95
C PHE B 46 -6.50 3.91 13.48
N ASP B 47 -5.73 5.00 13.44
CA ASP B 47 -4.39 4.96 13.96
C ASP B 47 -3.61 3.81 13.33
N GLY B 48 -3.87 3.59 12.04
CA GLY B 48 -3.17 2.57 11.29
C GLY B 48 -3.81 1.19 11.32
N GLN B 49 -4.79 0.96 12.24
CA GLN B 49 -5.38 -0.35 12.45
C GLN B 49 -6.80 -0.50 11.88
N PRO B 50 -7.09 -1.64 11.27
CA PRO B 50 -8.46 -1.97 10.83
C PRO B 50 -9.43 -2.10 11.99
N ILE B 51 -10.68 -1.74 11.75
CA ILE B 51 -11.70 -1.72 12.79
C ILE B 51 -12.87 -2.62 12.39
N ASN B 52 -13.31 -3.48 13.32
CA ASN B 52 -14.45 -4.29 12.96
C ASN B 52 -15.71 -3.50 13.35
N GLU B 53 -16.86 -3.92 12.84
CA GLU B 53 -18.11 -3.26 13.22
C GLU B 53 -18.50 -3.49 14.67
N THR B 54 -18.01 -4.56 15.29
CA THR B 54 -18.30 -4.83 16.69
C THR B 54 -17.47 -3.99 17.65
N ASP B 55 -16.43 -3.34 17.15
CA ASP B 55 -15.57 -2.53 17.99
C ASP B 55 -16.30 -1.30 18.52
N THR B 56 -15.91 -0.90 19.73
CA THR B 56 -16.37 0.31 20.39
C THR B 56 -15.22 1.30 20.57
N PRO B 57 -15.51 2.60 20.72
CA PRO B 57 -14.43 3.56 20.98
C PRO B 57 -13.62 3.26 22.23
N ALA B 58 -14.27 2.83 23.31
CA ALA B 58 -13.53 2.54 24.53
C ALA B 58 -12.62 1.34 24.37
N GLN B 59 -13.07 0.32 23.64
CA GLN B 59 -12.24 -0.85 23.42
C GLN B 59 -11.01 -0.50 22.58
N LEU B 60 -11.15 0.41 21.63
CA LEU B 60 -9.98 0.81 20.83
C LEU B 60 -9.27 2.02 21.45
N GLU B 61 -9.72 2.50 22.61
CA GLU B 61 -9.08 3.61 23.31
C GLU B 61 -9.01 4.85 22.43
N MET B 62 -10.12 5.19 21.80
CA MET B 62 -10.19 6.38 21.00
C MET B 62 -10.36 7.59 21.93
N GLU B 63 -9.64 8.67 21.62
CA GLU B 63 -9.82 9.92 22.40
C GLU B 63 -10.72 10.85 21.59
N ASP B 64 -11.12 11.98 22.16
CA ASP B 64 -11.98 12.96 21.43
C ASP B 64 -11.13 13.63 20.35
N GLU B 65 -11.77 14.07 19.27
CA GLU B 65 -11.07 14.78 18.16
C GLU B 65 -10.17 13.80 17.40
N ASP B 66 -10.33 12.49 17.63
CA ASP B 66 -9.56 11.55 16.83
C ASP B 66 -10.16 11.47 15.43
N THR B 67 -9.44 10.80 14.53
CA THR B 67 -9.81 10.76 13.12
C THR B 67 -9.85 9.30 12.68
N ILE B 68 -10.92 8.92 11.99
CA ILE B 68 -11.02 7.60 11.38
C ILE B 68 -10.84 7.72 9.87
N ASP B 69 -9.96 6.87 9.33
CA ASP B 69 -9.65 6.80 7.90
C ASP B 69 -10.57 5.81 7.19
N VAL B 70 -11.19 6.25 6.10
CA VAL B 70 -12.02 5.41 5.23
C VAL B 70 -11.29 5.01 3.95
N PHE B 71 -11.34 3.72 3.64
CA PHE B 71 -10.79 3.14 2.43
C PHE B 71 -11.90 2.35 1.76
N GLN B 72 -11.96 2.43 0.43
CA GLN B 72 -12.74 1.45 -0.31
C GLN B 72 -12.14 0.07 -0.08
N GLN B 73 -12.99 -0.90 0.25
CA GLN B 73 -12.49 -2.23 0.59
C GLN B 73 -11.86 -2.89 -0.64
N GLN B 74 -10.55 -3.21 -0.54
CA GLN B 74 -9.78 -3.82 -1.62
C GLN B 74 -8.86 -4.87 -1.00
N THR B 75 -9.45 -5.99 -0.59
CA THR B 75 -8.71 -7.10 0.02
C THR B 75 -8.49 -8.27 -0.94
N GLY B 76 -7.75 -9.25 -0.43
CA GLY B 76 -7.39 -10.47 -1.12
C GLY B 76 -6.71 -11.32 -0.06
#